data_2Z1S
#
_entry.id   2Z1S
#
_cell.length_a   71.324
_cell.length_b   75.283
_cell.length_c   88.794
_cell.angle_alpha   90.00
_cell.angle_beta   90.00
_cell.angle_gamma   90.00
#
_symmetry.space_group_name_H-M   'P 21 21 21'
#
loop_
_entity.id
_entity.type
_entity.pdbx_description
1 polymer 'Beta-glucosidase B'
2 branched beta-D-glucopyranose-(1-4)-beta-D-glucopyranose-(1-4)-beta-D-glucopyranose-(1-4)-beta-D-glucopyranose
3 water water
#
_entity_poly.entity_id   1
_entity_poly.type   'polypeptide(L)'
_entity_poly.pdbx_seq_one_letter_code
;MHHHHHHSENTFIFPATFMWGTSTSSYQIEGGTDEGGRTPSIWDTFCQIPGKVIGGDCGDVACDHFHHFKEDVQLMKQLG
FLHYRFSVAWPRIMPAAGIINEEGLLFYEHLLDEIELAGLIPMLTLYHWDLPQWIEDEGGWTQRETIQHFKTYASVIMDR
FGERINWWNTINEPYCASILGYGTGEHAPGHENWREAFTAAHHILMCHGIASNLHKEKGLTGKIGITLNMEHVDAASERP
EDVAAAIRRDGFINRWFAEPLFNGKYPEDMVEWYGTYLNGLDFVQPGDMELIQQPGDFLGINYYTRSIIRSTNDASLLQV
EQVHMEEPVTDMGWEIHPESFYKLLTRIEKDFSKGLPILITENGAAMRDELVNGQIEDTGRQRYIEEHLKACHRFIEEGG
QLKGYFVWSFLDNFEWAWGYSKRFGIVHINYETQERTPKQSALWFKQMMAKNGF
;
_entity_poly.pdbx_strand_id   A
#
# COMPACT_ATOMS: atom_id res chain seq x y z
N ASN A 10 23.30 -16.32 -16.71
CA ASN A 10 22.86 -15.23 -15.79
C ASN A 10 21.98 -14.14 -16.47
N THR A 11 20.97 -14.56 -17.24
CA THR A 11 20.02 -13.57 -17.75
C THR A 11 18.67 -13.75 -17.04
N PHE A 12 17.86 -12.70 -17.02
CA PHE A 12 16.61 -12.68 -16.26
C PHE A 12 15.45 -12.23 -17.15
N ILE A 13 14.99 -13.10 -18.03
CA ILE A 13 13.90 -12.69 -18.89
C ILE A 13 12.57 -13.02 -18.21
N PHE A 14 11.69 -12.04 -18.22
CA PHE A 14 10.41 -12.16 -17.55
C PHE A 14 9.36 -12.54 -18.58
N PRO A 15 8.27 -13.19 -18.14
CA PRO A 15 7.14 -13.54 -19.02
C PRO A 15 6.80 -12.50 -20.08
N ALA A 16 6.13 -13.01 -21.10
CA ALA A 16 5.66 -12.21 -22.22
C ALA A 16 4.75 -11.11 -21.70
N THR A 17 3.82 -11.50 -20.84
CA THR A 17 2.74 -10.62 -20.46
C THR A 17 2.96 -9.94 -19.10
N PHE A 18 4.18 -10.00 -18.59
CA PHE A 18 4.51 -9.46 -17.27
C PHE A 18 4.17 -7.97 -17.17
N MET A 19 3.56 -7.56 -16.06
CA MET A 19 3.07 -6.18 -15.92
C MET A 19 4.12 -5.34 -15.18
N TRP A 20 4.52 -4.27 -15.85
CA TRP A 20 5.50 -3.33 -15.34
C TRP A 20 4.86 -1.96 -15.06
N GLY A 21 4.84 -1.53 -13.79
CA GLY A 21 4.25 -0.24 -13.46
C GLY A 21 4.99 0.54 -12.39
N THR A 22 4.48 1.73 -12.08
CA THR A 22 4.81 2.42 -10.84
C THR A 22 3.53 2.71 -10.08
N SER A 23 3.68 2.99 -8.78
CA SER A 23 2.56 3.38 -7.91
C SER A 23 2.79 4.71 -7.25
N THR A 24 1.67 5.32 -6.86
CA THR A 24 1.64 6.48 -5.98
C THR A 24 0.39 6.34 -5.13
N SER A 25 0.07 7.41 -4.42
CA SER A 25 -1.04 7.47 -3.49
C SER A 25 -1.48 8.95 -3.48
N SER A 26 -2.77 9.20 -3.41
CA SER A 26 -3.30 10.55 -3.56
C SER A 26 -2.68 11.56 -2.57
N TYR A 27 -2.67 11.21 -1.28
CA TYR A 27 -2.26 12.15 -0.27
C TYR A 27 -0.74 12.43 -0.36
N GLN A 28 0.03 11.40 -0.74
CA GLN A 28 1.48 11.49 -0.77
C GLN A 28 2.02 12.36 -1.93
N ILE A 29 1.26 12.52 -3.00
CA ILE A 29 1.75 13.28 -4.15
C ILE A 29 0.91 14.52 -4.55
N GLU A 30 -0.41 14.47 -4.39
CA GLU A 30 -1.33 15.43 -4.99
C GLU A 30 -1.18 16.86 -4.56
N GLY A 31 -1.04 17.11 -3.26
CA GLY A 31 -1.19 18.46 -2.77
C GLY A 31 -2.59 18.99 -3.08
N GLY A 32 -2.70 20.29 -3.35
CA GLY A 32 -3.99 20.95 -3.45
C GLY A 32 -5.01 20.45 -2.43
N THR A 33 -4.63 20.51 -1.17
CA THR A 33 -5.45 19.99 -0.09
C THR A 33 -6.77 20.79 0.14
N ASP A 34 -6.72 22.10 0.10
CA ASP A 34 -7.96 22.91 0.22
C ASP A 34 -8.45 23.36 -1.16
N GLU A 35 -8.00 22.69 -2.21
CA GLU A 35 -8.36 23.11 -3.55
C GLU A 35 -9.37 22.13 -4.09
N GLY A 36 -10.28 22.67 -4.91
CA GLY A 36 -11.23 21.91 -5.68
C GLY A 36 -12.30 21.22 -4.87
N GLY A 37 -12.68 21.81 -3.74
CA GLY A 37 -13.75 21.27 -2.92
C GLY A 37 -13.28 20.27 -1.87
N ARG A 38 -12.03 19.84 -1.95
CA ARG A 38 -11.49 18.84 -1.04
C ARG A 38 -11.49 19.31 0.39
N THR A 39 -11.87 18.44 1.32
CA THR A 39 -11.80 18.78 2.77
C THR A 39 -10.72 17.94 3.53
N PRO A 40 -10.38 18.31 4.75
CA PRO A 40 -9.29 17.62 5.45
C PRO A 40 -9.49 16.08 5.59
N SER A 41 -8.45 15.32 5.28
CA SER A 41 -8.33 13.91 5.65
C SER A 41 -7.78 13.75 7.07
N ILE A 42 -7.83 12.53 7.59
CA ILE A 42 -7.24 12.26 8.88
C ILE A 42 -5.76 12.65 8.96
N TRP A 43 -5.04 12.62 7.83
CA TRP A 43 -3.59 12.91 7.80
C TRP A 43 -3.26 14.40 7.89
N ASP A 44 -4.18 15.24 7.43
CA ASP A 44 -4.01 16.68 7.54
C ASP A 44 -4.12 17.13 8.96
N THR A 45 -4.99 16.45 9.71
CA THR A 45 -5.07 16.58 11.19
C THR A 45 -3.90 15.93 11.90
N PHE A 46 -3.63 14.67 11.54
CA PHE A 46 -2.62 13.88 12.25
C PHE A 46 -1.26 14.53 12.12
N CYS A 47 -0.94 14.96 10.92
CA CYS A 47 0.33 15.61 10.64
C CYS A 47 0.61 16.84 11.52
N GLN A 48 -0.42 17.36 12.18
CA GLN A 48 -0.33 18.60 12.94
C GLN A 48 -0.01 18.36 14.41
N ILE A 49 -0.17 17.10 14.82
CA ILE A 49 0.09 16.72 16.19
C ILE A 49 1.61 16.67 16.40
N PRO A 50 2.09 17.50 17.33
CA PRO A 50 3.53 17.66 17.57
C PRO A 50 4.24 16.35 17.79
N GLY A 51 5.22 16.01 16.97
CA GLY A 51 6.01 14.82 17.22
C GLY A 51 5.60 13.57 16.44
N LYS A 52 4.47 13.63 15.73
CA LYS A 52 3.91 12.47 15.02
C LYS A 52 4.59 12.26 13.67
N VAL A 53 5.00 13.33 12.98
CA VAL A 53 5.60 13.20 11.64
C VAL A 53 6.93 13.94 11.73
N ILE A 54 8.06 13.31 11.38
CA ILE A 54 9.37 13.97 11.33
C ILE A 54 9.27 15.36 10.76
N GLY A 55 9.97 16.29 11.40
CA GLY A 55 9.94 17.68 10.99
C GLY A 55 8.64 18.49 11.04
N GLY A 56 7.54 17.96 11.58
CA GLY A 56 6.26 18.65 11.45
C GLY A 56 5.61 18.51 10.06
N ASP A 57 6.23 17.76 9.15
CA ASP A 57 5.85 17.83 7.71
C ASP A 57 4.41 17.45 7.52
N CYS A 58 3.79 18.01 6.48
CA CYS A 58 2.40 17.72 6.14
C CYS A 58 2.24 17.45 4.68
N GLY A 59 1.06 16.99 4.29
CA GLY A 59 0.81 16.73 2.89
C GLY A 59 0.36 17.91 2.07
N ASP A 60 0.54 19.10 2.60
CA ASP A 60 0.33 20.35 1.89
C ASP A 60 1.33 20.48 0.74
N VAL A 61 0.81 20.76 -0.46
CA VAL A 61 1.61 20.83 -1.70
C VAL A 61 2.18 19.49 -2.15
N ALA A 62 2.97 18.85 -1.30
CA ALA A 62 3.64 17.60 -1.66
C ALA A 62 4.38 17.76 -3.00
N CYS A 63 4.15 16.85 -3.98
CA CYS A 63 4.73 17.00 -5.33
C CYS A 63 3.83 17.80 -6.25
N ASP A 64 2.71 18.25 -5.69
CA ASP A 64 1.79 19.11 -6.42
C ASP A 64 1.29 18.43 -7.69
N HIS A 65 1.22 17.12 -7.68
CA HIS A 65 0.64 16.34 -8.79
C HIS A 65 -0.79 16.82 -9.18
N PHE A 66 -1.44 17.57 -8.30
CA PHE A 66 -2.72 18.17 -8.64
C PHE A 66 -2.64 19.09 -9.87
N HIS A 67 -1.52 19.81 -10.01
CA HIS A 67 -1.36 20.72 -11.14
C HIS A 67 -0.40 20.14 -12.18
N HIS A 68 0.52 19.28 -11.74
CA HIS A 68 1.49 18.67 -12.65
C HIS A 68 1.05 17.32 -13.28
N PHE A 69 -0.21 16.89 -13.08
CA PHE A 69 -0.61 15.53 -13.51
C PHE A 69 -0.35 15.19 -14.98
N LYS A 70 -0.42 16.20 -15.86
CA LYS A 70 -0.23 16.06 -17.29
C LYS A 70 1.20 15.66 -17.62
N GLU A 71 2.18 16.38 -17.07
CA GLU A 71 3.56 15.99 -17.27
C GLU A 71 3.96 14.71 -16.53
N ASP A 72 3.43 14.43 -15.36
CA ASP A 72 3.79 13.17 -14.73
C ASP A 72 3.43 11.96 -15.61
N VAL A 73 2.17 11.91 -16.07
CA VAL A 73 1.68 10.77 -16.83
C VAL A 73 2.43 10.67 -18.14
N GLN A 74 2.86 11.83 -18.66
CA GLN A 74 3.75 11.93 -19.81
C GLN A 74 5.17 11.42 -19.54
N LEU A 75 5.71 11.77 -18.39
CA LEU A 75 7.04 11.31 -17.98
C LEU A 75 7.09 9.80 -17.81
N MET A 76 5.93 9.21 -17.45
CA MET A 76 5.75 7.75 -17.36
C MET A 76 5.88 7.12 -18.76
N LYS A 77 5.01 7.56 -19.68
CA LYS A 77 5.09 7.23 -21.10
C LYS A 77 6.55 7.22 -21.55
N GLN A 78 7.24 8.33 -21.33
CA GLN A 78 8.58 8.48 -21.86
C GLN A 78 9.58 7.55 -21.12
N LEU A 79 9.22 7.20 -19.88
CA LEU A 79 10.04 6.28 -19.13
C LEU A 79 9.68 4.81 -19.46
N GLY A 80 8.73 4.64 -20.37
CA GLY A 80 8.41 3.34 -20.94
C GLY A 80 7.55 2.52 -20.03
N PHE A 81 6.61 3.16 -19.36
CA PHE A 81 5.68 2.44 -18.50
C PHE A 81 4.37 2.11 -19.23
N LEU A 82 3.94 0.87 -19.09
CA LEU A 82 2.62 0.46 -19.57
C LEU A 82 1.45 0.63 -18.55
N HIS A 83 1.76 0.51 -17.25
CA HIS A 83 0.76 0.52 -16.16
C HIS A 83 1.03 1.59 -15.14
N TYR A 84 -0.05 2.23 -14.64
CA TYR A 84 0.03 3.22 -13.56
C TYR A 84 -0.99 2.93 -12.47
N ARG A 85 -0.50 2.79 -11.21
CA ARG A 85 -1.38 2.50 -10.05
C ARG A 85 -1.39 3.70 -9.19
N PHE A 86 -2.58 4.29 -9.03
CA PHE A 86 -2.80 5.49 -8.19
C PHE A 86 -4.01 5.25 -7.30
N SER A 87 -4.27 6.15 -6.36
CA SER A 87 -5.39 5.99 -5.48
C SER A 87 -6.23 7.23 -5.61
N VAL A 88 -7.48 7.14 -5.15
CA VAL A 88 -8.41 8.24 -5.24
C VAL A 88 -8.56 8.78 -3.83
N ALA A 89 -8.47 10.10 -3.70
CA ALA A 89 -8.61 10.71 -2.37
C ALA A 89 -10.09 10.86 -2.04
N TRP A 90 -10.54 9.98 -1.18
CA TRP A 90 -11.90 9.95 -0.73
C TRP A 90 -12.40 11.39 -0.40
N PRO A 91 -11.61 12.18 0.34
CA PRO A 91 -11.99 13.55 0.69
C PRO A 91 -12.26 14.48 -0.51
N ARG A 92 -11.63 14.21 -1.64
CA ARG A 92 -11.90 14.93 -2.88
C ARG A 92 -13.28 14.53 -3.42
N ILE A 93 -13.73 13.34 -3.07
CA ILE A 93 -14.98 12.80 -3.63
C ILE A 93 -16.16 13.00 -2.66
N MET A 94 -15.94 12.79 -1.37
CA MET A 94 -17.00 12.89 -0.39
C MET A 94 -16.68 13.86 0.71
N PRO A 95 -16.55 15.15 0.38
CA PRO A 95 -16.06 16.16 1.33
C PRO A 95 -16.97 16.41 2.52
N ALA A 96 -18.23 15.98 2.45
CA ALA A 96 -19.12 16.01 3.64
C ALA A 96 -20.07 14.83 3.52
N ALA A 97 -20.94 14.63 4.52
CA ALA A 97 -21.91 13.53 4.46
C ALA A 97 -22.92 13.59 3.27
N GLY A 98 -22.82 12.57 2.39
CA GLY A 98 -23.68 12.37 1.21
C GLY A 98 -23.77 13.47 0.14
N ILE A 99 -22.64 14.10 -0.17
CA ILE A 99 -22.61 15.27 -1.05
C ILE A 99 -22.15 15.07 -2.50
N ILE A 100 -21.20 14.16 -2.73
CA ILE A 100 -20.60 13.96 -4.08
C ILE A 100 -20.09 15.21 -4.78
N ASN A 101 -18.85 15.59 -4.51
CA ASN A 101 -18.20 16.74 -5.14
C ASN A 101 -17.78 16.49 -6.60
N GLU A 102 -18.45 17.17 -7.53
CA GLU A 102 -18.26 16.93 -8.96
C GLU A 102 -16.90 17.37 -9.49
N GLU A 103 -16.32 18.40 -8.86
CA GLU A 103 -15.00 18.94 -9.24
C GLU A 103 -13.87 17.93 -8.97
N GLY A 104 -14.04 17.11 -7.93
CA GLY A 104 -13.11 16.07 -7.55
C GLY A 104 -13.14 14.87 -8.49
N LEU A 105 -14.36 14.39 -8.78
CA LEU A 105 -14.53 13.37 -9.81
C LEU A 105 -13.90 13.82 -11.12
N LEU A 106 -13.98 15.12 -11.40
CA LEU A 106 -13.45 15.62 -12.65
C LEU A 106 -11.92 15.61 -12.72
N PHE A 107 -11.26 15.63 -11.57
CA PHE A 107 -9.79 15.62 -11.58
C PHE A 107 -9.31 14.21 -11.93
N TYR A 108 -9.98 13.21 -11.40
CA TYR A 108 -9.60 11.86 -11.70
C TYR A 108 -9.96 11.51 -13.14
N GLU A 109 -11.15 11.93 -13.59
CA GLU A 109 -11.62 11.72 -14.97
C GLU A 109 -10.62 12.21 -15.96
N HIS A 110 -10.15 13.46 -15.74
CA HIS A 110 -9.12 14.07 -16.56
C HIS A 110 -7.83 13.31 -16.38
N LEU A 111 -7.59 12.81 -15.17
CA LEU A 111 -6.31 12.15 -14.94
C LEU A 111 -6.29 10.92 -15.81
N LEU A 112 -7.39 10.18 -15.77
CA LEU A 112 -7.68 9.06 -16.64
C LEU A 112 -7.66 9.40 -18.16
N ASP A 113 -8.03 10.62 -18.53
CA ASP A 113 -7.92 11.01 -19.95
C ASP A 113 -6.48 11.02 -20.41
N GLU A 114 -5.67 11.66 -19.59
CA GLU A 114 -4.26 11.70 -19.79
C GLU A 114 -3.73 10.31 -19.82
N ILE A 115 -4.22 9.43 -18.94
CA ILE A 115 -3.63 8.09 -18.84
C ILE A 115 -3.77 7.33 -20.14
N GLU A 116 -5.02 7.17 -20.58
CA GLU A 116 -5.35 6.60 -21.89
C GLU A 116 -4.76 7.36 -23.08
N LEU A 117 -4.54 8.66 -22.95
CA LEU A 117 -3.90 9.44 -24.03
C LEU A 117 -2.44 9.06 -24.25
N ALA A 118 -1.78 8.64 -23.17
CA ALA A 118 -0.41 8.19 -23.28
C ALA A 118 -0.36 6.71 -23.62
N GLY A 119 -1.50 6.02 -23.46
CA GLY A 119 -1.60 4.63 -23.84
C GLY A 119 -1.23 3.74 -22.68
N LEU A 120 -1.45 4.26 -21.47
CA LEU A 120 -1.16 3.55 -20.22
C LEU A 120 -2.39 2.88 -19.66
N ILE A 121 -2.17 1.81 -18.90
CA ILE A 121 -3.25 1.02 -18.29
C ILE A 121 -3.30 1.28 -16.78
N PRO A 122 -4.41 1.88 -16.30
CA PRO A 122 -4.53 2.25 -14.87
C PRO A 122 -4.98 1.15 -13.91
N MET A 123 -4.72 1.40 -12.62
CA MET A 123 -5.21 0.59 -11.52
C MET A 123 -5.57 1.58 -10.46
N LEU A 124 -6.83 1.64 -10.09
CA LEU A 124 -7.25 2.61 -9.12
C LEU A 124 -7.39 1.93 -7.78
N THR A 125 -6.75 2.50 -6.76
CA THR A 125 -6.87 2.02 -5.40
C THR A 125 -7.93 2.86 -4.76
N LEU A 126 -8.95 2.20 -4.23
CA LEU A 126 -10.07 2.90 -3.62
C LEU A 126 -9.64 3.56 -2.31
N TYR A 127 -8.92 2.81 -1.48
CA TYR A 127 -8.56 3.35 -0.18
C TYR A 127 -7.09 3.25 0.12
N HIS A 128 -6.42 4.41 0.13
CA HIS A 128 -5.00 4.46 0.52
C HIS A 128 -4.75 5.42 1.65
N TRP A 129 -5.57 5.34 2.70
CA TRP A 129 -5.35 5.94 4.05
C TRP A 129 -5.81 7.37 4.32
N ASP A 130 -6.38 8.03 3.32
CA ASP A 130 -6.86 9.42 3.48
C ASP A 130 -8.36 9.43 3.75
N LEU A 131 -8.75 8.83 4.85
CA LEU A 131 -10.09 8.92 5.35
C LEU A 131 -10.47 10.40 5.60
N PRO A 132 -11.61 10.85 5.05
CA PRO A 132 -12.14 12.20 5.26
C PRO A 132 -12.32 12.39 6.73
N GLN A 133 -11.85 13.52 7.31
CA GLN A 133 -11.91 13.78 8.75
C GLN A 133 -13.35 13.69 9.29
N TRP A 134 -14.30 14.15 8.49
CA TRP A 134 -15.67 14.22 9.00
C TRP A 134 -16.08 12.81 9.42
N ILE A 135 -15.58 11.81 8.69
CA ILE A 135 -15.83 10.40 9.07
C ILE A 135 -15.16 9.97 10.39
N GLU A 136 -13.93 10.42 10.61
CA GLU A 136 -13.22 10.19 11.89
C GLU A 136 -13.97 10.83 13.05
N ASP A 137 -14.54 12.02 12.79
CA ASP A 137 -15.44 12.69 13.76
C ASP A 137 -16.61 11.79 14.19
N GLU A 138 -17.18 11.06 13.26
CA GLU A 138 -18.26 10.14 13.55
C GLU A 138 -17.81 8.88 14.25
N GLY A 139 -16.50 8.68 14.44
CA GLY A 139 -15.99 7.42 14.96
C GLY A 139 -14.97 6.71 14.06
N GLY A 140 -14.83 7.14 12.81
CA GLY A 140 -13.74 6.63 12.02
C GLY A 140 -13.94 5.14 11.71
N TRP A 141 -12.86 4.36 11.78
CA TRP A 141 -12.90 2.97 11.35
C TRP A 141 -13.49 2.06 12.42
N THR A 142 -13.60 2.57 13.65
CA THR A 142 -14.24 1.82 14.74
C THR A 142 -15.77 1.85 14.70
N GLN A 143 -16.40 2.38 13.65
CA GLN A 143 -17.87 2.31 13.52
C GLN A 143 -18.29 1.50 12.32
N ARG A 144 -19.24 0.56 12.46
CA ARG A 144 -19.76 -0.10 11.24
C ARG A 144 -20.23 0.90 10.21
N GLU A 145 -20.78 2.04 10.66
CA GLU A 145 -21.39 3.00 9.73
C GLU A 145 -20.41 3.47 8.70
N THR A 146 -19.15 3.52 9.12
CA THR A 146 -18.11 3.82 8.17
C THR A 146 -18.27 2.96 6.95
N ILE A 147 -18.68 1.71 7.12
CA ILE A 147 -18.70 0.81 5.96
C ILE A 147 -19.72 1.31 4.95
N GLN A 148 -20.86 1.78 5.45
CA GLN A 148 -21.87 2.37 4.57
C GLN A 148 -21.37 3.57 3.80
N HIS A 149 -20.66 4.47 4.49
CA HIS A 149 -19.97 5.60 3.83
C HIS A 149 -19.03 5.09 2.74
N PHE A 150 -18.29 4.02 3.06
CA PHE A 150 -17.36 3.46 2.11
C PHE A 150 -18.16 3.02 0.89
N LYS A 151 -19.20 2.23 1.13
CA LYS A 151 -20.13 1.83 0.04
C LYS A 151 -20.51 2.96 -0.90
N THR A 152 -20.94 4.08 -0.30
CA THR A 152 -21.31 5.28 -1.03
C THR A 152 -20.17 5.73 -1.91
N TYR A 153 -18.98 5.86 -1.31
CA TYR A 153 -17.75 6.22 -2.04
C TYR A 153 -17.35 5.18 -3.09
N ALA A 154 -17.41 3.90 -2.79
CA ALA A 154 -17.01 2.92 -3.81
C ALA A 154 -18.02 2.79 -4.97
N SER A 155 -19.27 3.13 -4.70
CA SER A 155 -20.30 3.11 -5.75
C SER A 155 -20.15 4.23 -6.79
N VAL A 156 -19.87 5.46 -6.32
CA VAL A 156 -19.69 6.61 -7.22
C VAL A 156 -18.55 6.42 -8.21
N ILE A 157 -17.38 6.03 -7.69
CA ILE A 157 -16.16 5.80 -8.47
C ILE A 157 -16.40 4.70 -9.51
N MET A 158 -17.24 3.75 -9.16
CA MET A 158 -17.46 2.61 -10.02
C MET A 158 -18.49 2.91 -11.10
N ASP A 159 -19.40 3.85 -10.87
CA ASP A 159 -20.39 4.25 -11.89
C ASP A 159 -19.77 5.26 -12.79
N ARG A 160 -19.13 6.24 -12.17
CA ARG A 160 -18.35 7.22 -12.92
C ARG A 160 -17.23 6.65 -13.77
N PHE A 161 -16.64 5.53 -13.38
CA PHE A 161 -15.61 4.90 -14.22
C PHE A 161 -15.91 3.41 -14.47
N GLY A 162 -14.91 2.62 -14.81
CA GLY A 162 -15.14 1.19 -14.67
C GLY A 162 -15.49 0.49 -15.95
N GLU A 163 -16.12 1.22 -16.85
CA GLU A 163 -16.06 0.84 -18.26
C GLU A 163 -14.63 1.16 -18.70
N ARG A 164 -13.88 1.86 -17.84
CA ARG A 164 -12.58 2.47 -18.12
C ARG A 164 -11.39 1.91 -17.31
N ILE A 165 -11.72 1.28 -16.18
CA ILE A 165 -10.75 0.74 -15.25
C ILE A 165 -10.54 -0.75 -15.47
N ASN A 166 -9.31 -1.14 -15.81
CA ASN A 166 -8.95 -2.52 -16.08
C ASN A 166 -8.59 -3.28 -14.82
N TRP A 167 -8.03 -2.54 -13.84
CA TRP A 167 -7.56 -3.11 -12.56
C TRP A 167 -8.05 -2.33 -11.33
N TRP A 168 -8.86 -2.98 -10.50
CA TRP A 168 -9.41 -2.37 -9.29
C TRP A 168 -8.62 -2.90 -8.12
N ASN A 169 -8.16 -2.00 -7.26
CA ASN A 169 -7.48 -2.35 -6.02
C ASN A 169 -8.28 -1.78 -4.84
N THR A 170 -8.79 -2.63 -3.97
CA THR A 170 -9.75 -2.15 -2.98
C THR A 170 -9.10 -1.39 -1.83
N ILE A 171 -8.56 -2.13 -0.88
CA ILE A 171 -7.85 -1.55 0.24
C ILE A 171 -6.35 -1.68 0.05
N ASN A 172 -5.63 -0.61 0.36
CA ASN A 172 -4.18 -0.71 0.42
C ASN A 172 -3.77 -0.90 1.87
N GLU A 173 -3.27 -2.10 2.17
CA GLU A 173 -2.59 -2.39 3.42
C GLU A 173 -3.53 -2.23 4.60
N PRO A 174 -4.55 -3.06 4.76
CA PRO A 174 -5.43 -2.88 5.95
C PRO A 174 -4.65 -2.89 7.29
N TYR A 175 -3.49 -3.51 7.29
CA TYR A 175 -2.70 -3.61 8.51
C TYR A 175 -2.33 -2.24 9.02
N CYS A 176 -1.90 -1.35 8.13
CA CYS A 176 -1.39 -0.04 8.58
C CYS A 176 -2.49 0.89 9.07
N ALA A 177 -3.61 0.85 8.38
CA ALA A 177 -4.68 1.78 8.65
C ALA A 177 -5.32 1.39 9.97
N SER A 178 -5.35 0.08 10.26
CA SER A 178 -5.95 -0.41 11.51
C SER A 178 -4.97 -0.51 12.68
N ILE A 179 -3.90 -1.30 12.50
CA ILE A 179 -2.94 -1.49 13.55
C ILE A 179 -2.14 -0.23 13.94
N LEU A 180 -1.49 0.42 12.98
CA LEU A 180 -0.71 1.63 13.23
C LEU A 180 -1.63 2.86 13.43
N GLY A 181 -2.83 2.77 12.84
CA GLY A 181 -3.78 3.87 12.81
C GLY A 181 -4.49 4.05 14.15
N TYR A 182 -4.86 2.92 14.77
CA TYR A 182 -5.63 2.95 16.02
C TYR A 182 -4.95 2.25 17.20
N GLY A 183 -3.83 1.59 16.92
CA GLY A 183 -3.23 0.66 17.87
C GLY A 183 -1.93 1.17 18.41
N THR A 184 -0.94 1.41 17.56
CA THR A 184 0.30 1.97 18.08
C THR A 184 0.33 3.50 18.05
N GLY A 185 -0.65 4.15 17.43
CA GLY A 185 -0.64 5.59 17.31
C GLY A 185 0.13 6.16 16.12
N GLU A 186 0.95 5.36 15.44
CA GLU A 186 1.95 5.91 14.52
C GLU A 186 1.47 6.38 13.15
N HIS A 187 0.23 6.03 12.81
CA HIS A 187 -0.39 6.57 11.66
C HIS A 187 -1.64 7.25 12.14
N ALA A 188 -2.18 8.13 11.26
CA ALA A 188 -3.48 8.82 11.47
C ALA A 188 -4.51 7.79 11.76
N PRO A 189 -5.56 8.11 12.55
CA PRO A 189 -5.74 9.39 13.22
C PRO A 189 -4.96 9.50 14.55
N GLY A 190 -4.22 8.44 14.91
CA GLY A 190 -3.32 8.43 16.04
C GLY A 190 -3.84 7.86 17.34
N HIS A 191 -4.79 6.93 17.33
CA HIS A 191 -5.23 6.27 18.57
C HIS A 191 -4.25 5.18 19.06
N GLU A 192 -4.32 4.89 20.36
CA GLU A 192 -3.52 3.86 21.00
C GLU A 192 -4.56 3.01 21.79
N ASN A 193 -5.28 2.16 21.08
CA ASN A 193 -6.28 1.35 21.71
C ASN A 193 -6.50 0.07 20.91
N TRP A 194 -5.99 -1.04 21.45
CA TRP A 194 -6.02 -2.32 20.74
C TRP A 194 -7.45 -2.81 20.36
N ARG A 195 -8.41 -2.55 21.24
CA ARG A 195 -9.79 -2.83 20.93
C ARG A 195 -10.21 -2.15 19.64
N GLU A 196 -9.84 -0.87 19.48
CA GLU A 196 -10.22 -0.09 18.27
C GLU A 196 -9.51 -0.57 17.01
N ALA A 197 -8.24 -0.89 17.21
CA ALA A 197 -7.38 -1.31 16.14
C ALA A 197 -7.90 -2.58 15.45
N PHE A 198 -8.19 -3.58 16.28
CA PHE A 198 -8.85 -4.84 15.89
C PHE A 198 -10.28 -4.68 15.35
N THR A 199 -11.07 -3.76 15.92
CA THR A 199 -12.38 -3.34 15.39
C THR A 199 -12.24 -2.71 14.01
N ALA A 200 -11.42 -1.67 13.93
CA ALA A 200 -11.07 -1.08 12.63
C ALA A 200 -10.54 -2.04 11.58
N ALA A 201 -9.75 -3.05 11.97
CA ALA A 201 -9.20 -3.94 10.96
C ALA A 201 -10.32 -4.81 10.37
N HIS A 202 -11.29 -5.11 11.20
CA HIS A 202 -12.44 -5.91 10.79
C HIS A 202 -13.31 -5.08 9.88
N HIS A 203 -13.51 -3.80 10.20
CA HIS A 203 -14.25 -2.93 9.26
C HIS A 203 -13.58 -2.68 7.91
N ILE A 204 -12.27 -2.42 7.91
CA ILE A 204 -11.59 -2.15 6.63
C ILE A 204 -11.53 -3.39 5.74
N LEU A 205 -11.52 -4.56 6.37
CA LEU A 205 -11.43 -5.80 5.65
C LEU A 205 -12.79 -6.08 5.03
N MET A 206 -13.85 -5.61 5.68
CA MET A 206 -15.22 -5.71 5.16
C MET A 206 -15.42 -4.80 3.97
N CYS A 207 -14.76 -3.65 4.01
CA CYS A 207 -14.86 -2.75 2.86
C CYS A 207 -14.27 -3.36 1.61
N HIS A 208 -13.28 -4.24 1.76
CA HIS A 208 -12.79 -4.93 0.58
C HIS A 208 -13.95 -5.77 0.04
N GLY A 209 -14.61 -6.53 0.93
CA GLY A 209 -15.83 -7.25 0.59
C GLY A 209 -16.93 -6.38 0.04
N ILE A 210 -17.22 -5.29 0.75
CA ILE A 210 -18.24 -4.36 0.31
C ILE A 210 -17.98 -4.02 -1.12
N ALA A 211 -16.75 -3.60 -1.41
CA ALA A 211 -16.41 -3.18 -2.76
C ALA A 211 -16.41 -4.37 -3.75
N SER A 212 -16.21 -5.57 -3.24
CA SER A 212 -16.18 -6.74 -4.09
C SER A 212 -17.61 -7.06 -4.55
N ASN A 213 -18.58 -6.94 -3.64
CA ASN A 213 -20.00 -7.00 -3.98
C ASN A 213 -20.47 -5.92 -4.95
N LEU A 214 -20.17 -4.65 -4.70
CA LEU A 214 -20.58 -3.60 -5.63
C LEU A 214 -20.08 -3.92 -7.04
N HIS A 215 -18.82 -4.40 -7.12
CA HIS A 215 -18.16 -4.76 -8.39
C HIS A 215 -18.94 -5.85 -9.19
N LYS A 216 -19.45 -6.88 -8.50
CA LYS A 216 -20.22 -7.92 -9.21
C LYS A 216 -21.67 -7.45 -9.57
N GLU A 217 -22.39 -6.87 -8.60
CA GLU A 217 -23.70 -6.21 -8.83
C GLU A 217 -23.75 -5.24 -10.03
N LYS A 218 -22.61 -4.64 -10.35
CA LYS A 218 -22.55 -3.77 -11.52
C LYS A 218 -22.12 -4.56 -12.78
N GLY A 219 -21.64 -5.79 -12.57
CA GLY A 219 -21.09 -6.60 -13.64
C GLY A 219 -19.93 -6.00 -14.40
N LEU A 220 -18.97 -5.42 -13.69
CA LEU A 220 -17.83 -4.79 -14.35
C LEU A 220 -16.83 -5.86 -14.78
N THR A 221 -16.00 -5.56 -15.78
CA THR A 221 -15.06 -6.55 -16.33
C THR A 221 -13.64 -6.43 -15.85
N GLY A 222 -13.31 -5.30 -15.21
CA GLY A 222 -12.03 -5.12 -14.55
C GLY A 222 -11.71 -6.19 -13.52
N LYS A 223 -10.43 -6.56 -13.45
CA LYS A 223 -9.91 -7.38 -12.35
C LYS A 223 -9.94 -6.59 -11.04
N ILE A 224 -10.13 -7.31 -9.93
CA ILE A 224 -10.23 -6.68 -8.63
C ILE A 224 -9.46 -7.49 -7.60
N GLY A 225 -8.87 -6.81 -6.64
CA GLY A 225 -8.13 -7.48 -5.58
C GLY A 225 -7.72 -6.47 -4.55
N ILE A 226 -7.52 -6.96 -3.35
CA ILE A 226 -6.92 -6.25 -2.24
C ILE A 226 -5.38 -6.32 -2.32
N THR A 227 -4.72 -5.48 -1.51
CA THR A 227 -3.27 -5.42 -1.36
C THR A 227 -2.96 -5.60 0.12
N LEU A 228 -2.14 -6.58 0.43
CA LEU A 228 -1.61 -6.62 1.77
C LEU A 228 -0.13 -6.34 1.75
N ASN A 229 0.31 -5.61 2.74
CA ASN A 229 1.71 -5.57 3.04
C ASN A 229 2.09 -6.81 3.83
N MET A 230 3.07 -7.54 3.35
CA MET A 230 3.53 -8.70 4.08
C MET A 230 4.99 -8.60 4.40
N GLU A 231 5.43 -9.37 5.38
CA GLU A 231 6.81 -9.35 5.77
C GLU A 231 7.28 -10.75 6.16
N HIS A 232 8.45 -11.15 5.67
CA HIS A 232 8.99 -12.44 6.05
C HIS A 232 9.49 -12.31 7.46
N VAL A 233 9.33 -13.39 8.22
CA VAL A 233 9.66 -13.38 9.65
C VAL A 233 10.60 -14.50 10.09
N ASP A 234 11.76 -14.10 10.59
CA ASP A 234 12.77 -15.02 11.06
C ASP A 234 12.89 -14.86 12.55
N ALA A 235 13.09 -15.98 13.24
CA ALA A 235 13.33 -15.98 14.68
C ALA A 235 14.75 -15.53 14.88
N ALA A 236 15.02 -14.78 15.96
CA ALA A 236 16.39 -14.25 16.23
C ALA A 236 17.44 -15.34 16.58
N SER A 237 16.99 -16.37 17.28
CA SER A 237 17.85 -17.46 17.76
C SER A 237 17.00 -18.72 17.70
N GLU A 238 17.63 -19.86 18.00
CA GLU A 238 16.93 -21.15 18.11
C GLU A 238 16.15 -21.34 19.41
N ARG A 239 16.18 -20.38 20.33
CA ARG A 239 15.42 -20.52 21.59
C ARG A 239 13.96 -20.59 21.26
N PRO A 240 13.25 -21.46 21.98
CA PRO A 240 11.82 -21.70 21.73
C PRO A 240 10.94 -20.44 21.89
N GLU A 241 11.18 -19.66 22.95
CA GLU A 241 10.40 -18.41 23.17
C GLU A 241 10.60 -17.44 22.01
N ASP A 242 11.79 -17.44 21.38
CA ASP A 242 12.01 -16.69 20.12
C ASP A 242 11.25 -17.24 18.90
N VAL A 243 11.15 -18.57 18.80
CA VAL A 243 10.39 -19.20 17.72
C VAL A 243 8.90 -18.83 17.85
N ALA A 244 8.38 -19.00 19.06
CA ALA A 244 7.08 -18.50 19.47
C ALA A 244 6.89 -17.03 19.08
N ALA A 245 7.87 -16.18 19.48
CA ALA A 245 7.82 -14.75 19.17
C ALA A 245 7.61 -14.50 17.66
N ALA A 246 8.36 -15.23 16.83
CA ALA A 246 8.27 -14.99 15.41
C ALA A 246 6.93 -15.46 14.91
N ILE A 247 6.32 -16.49 15.52
CA ILE A 247 5.02 -17.00 15.07
C ILE A 247 4.01 -15.85 15.29
N ARG A 248 4.23 -15.06 16.34
CA ARG A 248 3.28 -14.03 16.74
C ARG A 248 3.33 -12.80 15.81
N ARG A 249 4.49 -12.18 15.66
CA ARG A 249 4.74 -11.23 14.57
C ARG A 249 4.10 -11.67 13.21
N ASP A 250 4.36 -12.89 12.74
CA ASP A 250 3.79 -13.42 11.48
C ASP A 250 2.25 -13.40 11.50
N GLY A 251 1.62 -13.85 12.59
CA GLY A 251 0.17 -13.68 12.73
C GLY A 251 -0.39 -12.25 12.78
N PHE A 252 0.42 -11.33 13.32
CA PHE A 252 0.09 -9.94 13.65
C PHE A 252 0.04 -9.09 12.39
N ILE A 253 1.03 -9.23 11.49
CA ILE A 253 1.04 -8.57 10.17
C ILE A 253 0.30 -9.36 9.06
N ASN A 254 0.62 -10.66 8.92
CA ASN A 254 0.22 -11.42 7.75
C ASN A 254 -1.05 -12.22 7.97
N ARG A 255 -1.04 -13.14 8.94
CA ARG A 255 -2.11 -14.12 9.04
C ARG A 255 -3.46 -13.48 9.51
N TRP A 256 -3.37 -12.43 10.33
CA TRP A 256 -4.57 -11.72 10.73
C TRP A 256 -5.38 -11.13 9.61
N PHE A 257 -4.71 -10.84 8.50
CA PHE A 257 -5.31 -10.21 7.31
C PHE A 257 -5.44 -11.18 6.15
N ALA A 258 -4.48 -12.09 6.03
CA ALA A 258 -4.46 -13.10 4.98
C ALA A 258 -5.47 -14.23 5.22
N GLU A 259 -5.60 -14.67 6.47
CA GLU A 259 -6.53 -15.74 6.87
C GLU A 259 -8.01 -15.50 6.55
N PRO A 260 -8.58 -14.36 7.00
CA PRO A 260 -9.98 -14.04 6.72
C PRO A 260 -10.27 -13.92 5.23
N LEU A 261 -9.35 -13.32 4.49
CA LEU A 261 -9.51 -13.16 3.04
C LEU A 261 -9.61 -14.48 2.26
N PHE A 262 -8.74 -15.44 2.58
CA PHE A 262 -8.71 -16.73 1.89
C PHE A 262 -9.55 -17.85 2.56
N ASN A 263 -9.53 -17.94 3.89
CA ASN A 263 -10.20 -19.01 4.62
C ASN A 263 -11.38 -18.61 5.49
N GLY A 264 -11.78 -17.34 5.44
CA GLY A 264 -12.89 -16.83 6.25
C GLY A 264 -12.81 -16.94 7.78
N LYS A 265 -11.60 -16.96 8.32
CA LYS A 265 -11.41 -17.01 9.77
C LYS A 265 -10.24 -16.14 10.20
N TYR A 266 -10.22 -15.78 11.47
CA TYR A 266 -9.04 -15.17 12.07
C TYR A 266 -8.07 -16.28 12.60
N PRO A 267 -6.75 -16.02 12.62
CA PRO A 267 -5.78 -16.96 13.20
C PRO A 267 -6.12 -17.27 14.66
N GLU A 268 -6.36 -18.56 14.96
CA GLU A 268 -6.86 -18.95 16.28
C GLU A 268 -5.87 -18.58 17.38
N ASP A 269 -4.59 -18.81 17.13
CA ASP A 269 -3.56 -18.50 18.11
C ASP A 269 -3.53 -17.00 18.41
N MET A 270 -3.66 -16.20 17.37
CA MET A 270 -3.76 -14.76 17.50
C MET A 270 -5.04 -14.36 18.28
N VAL A 271 -6.21 -14.88 17.88
CA VAL A 271 -7.43 -14.68 18.70
C VAL A 271 -7.26 -15.06 20.22
N GLU A 272 -6.61 -16.20 20.48
CA GLU A 272 -6.26 -16.60 21.85
C GLU A 272 -5.31 -15.57 22.45
N TRP A 273 -4.26 -15.18 21.76
CA TRP A 273 -3.29 -14.19 22.31
C TRP A 273 -3.86 -12.79 22.63
N TYR A 274 -4.76 -12.30 21.78
CA TYR A 274 -5.35 -10.98 21.92
C TYR A 274 -6.40 -10.93 23.03
N GLY A 275 -7.07 -12.07 23.21
CA GLY A 275 -7.98 -12.31 24.31
C GLY A 275 -8.99 -11.24 24.62
N THR A 276 -8.70 -10.51 25.69
CA THR A 276 -9.61 -9.52 26.24
C THR A 276 -9.89 -8.37 25.26
N TYR A 277 -8.87 -8.04 24.46
CA TYR A 277 -8.93 -6.96 23.47
C TYR A 277 -9.88 -7.22 22.30
N LEU A 278 -10.30 -8.48 22.14
CA LEU A 278 -11.20 -8.89 21.07
C LEU A 278 -12.64 -8.94 21.55
N ASN A 279 -12.81 -8.68 22.85
CA ASN A 279 -14.10 -8.71 23.53
C ASN A 279 -15.02 -9.84 23.06
N GLY A 280 -14.45 -11.02 22.82
CA GLY A 280 -15.20 -12.16 22.34
C GLY A 280 -15.69 -12.08 20.91
N LEU A 281 -14.91 -11.41 20.04
CA LEU A 281 -15.25 -11.20 18.62
C LEU A 281 -16.65 -10.55 18.38
N ASP A 282 -17.05 -9.69 19.34
CA ASP A 282 -18.37 -9.08 19.36
C ASP A 282 -18.62 -8.14 18.21
N PHE A 283 -17.55 -7.54 17.69
CA PHE A 283 -17.61 -6.77 16.44
C PHE A 283 -17.92 -7.62 15.16
N VAL A 284 -17.82 -8.95 15.25
CA VAL A 284 -18.11 -9.84 14.11
C VAL A 284 -19.61 -10.15 14.05
N GLN A 285 -20.33 -9.56 13.12
CA GLN A 285 -21.75 -9.91 12.88
C GLN A 285 -21.87 -11.14 11.97
N PRO A 286 -22.97 -11.88 12.11
CA PRO A 286 -23.31 -12.93 11.14
C PRO A 286 -23.16 -12.50 9.68
N GLY A 287 -22.29 -13.17 8.94
CA GLY A 287 -22.17 -12.92 7.51
C GLY A 287 -20.97 -12.09 7.10
N ASP A 288 -20.28 -11.54 8.10
CA ASP A 288 -19.15 -10.66 7.89
C ASP A 288 -18.03 -11.44 7.28
N MET A 289 -17.52 -12.44 8.00
CA MET A 289 -16.40 -13.22 7.49
C MET A 289 -16.65 -13.73 6.06
N GLU A 290 -17.88 -13.96 5.65
CA GLU A 290 -18.10 -14.45 4.30
C GLU A 290 -17.95 -13.27 3.35
N LEU A 291 -18.53 -12.15 3.77
CA LEU A 291 -18.30 -10.86 3.09
C LEU A 291 -16.78 -10.54 2.82
N ILE A 292 -15.97 -10.66 3.88
CA ILE A 292 -14.50 -10.52 3.80
C ILE A 292 -13.82 -11.52 2.83
N GLN A 293 -14.18 -12.80 2.92
CA GLN A 293 -13.45 -13.88 2.24
C GLN A 293 -13.68 -13.93 0.74
N GLN A 294 -13.03 -13.03 0.02
CA GLN A 294 -13.25 -12.92 -1.40
C GLN A 294 -11.94 -12.51 -2.04
N PRO A 295 -11.05 -13.47 -2.34
CA PRO A 295 -9.74 -13.11 -2.87
C PRO A 295 -9.83 -12.37 -4.19
N GLY A 296 -11.02 -12.39 -4.82
CA GLY A 296 -11.22 -11.85 -6.16
C GLY A 296 -10.29 -12.45 -7.20
N ASP A 297 -9.83 -11.57 -8.08
CA ASP A 297 -9.07 -11.91 -9.28
C ASP A 297 -7.56 -11.91 -9.15
N PHE A 298 -7.02 -11.30 -8.09
CA PHE A 298 -5.55 -11.26 -7.85
C PHE A 298 -5.20 -10.84 -6.42
N LEU A 299 -4.00 -11.19 -5.98
CA LEU A 299 -3.57 -10.77 -4.66
C LEU A 299 -2.49 -9.77 -4.85
N GLY A 300 -2.74 -8.56 -4.35
CA GLY A 300 -1.73 -7.51 -4.38
C GLY A 300 -0.83 -7.57 -3.15
N ILE A 301 0.47 -7.54 -3.40
CA ILE A 301 1.40 -7.61 -2.27
C ILE A 301 2.38 -6.44 -2.30
N ASN A 302 2.64 -5.87 -1.14
CA ASN A 302 3.64 -4.81 -0.95
C ASN A 302 4.71 -5.38 -0.04
N TYR A 303 5.97 -5.33 -0.44
CA TYR A 303 6.99 -5.96 0.37
C TYR A 303 8.14 -4.99 0.43
N TYR A 304 8.81 -4.92 1.59
CA TYR A 304 10.00 -4.07 1.68
C TYR A 304 11.21 -4.74 2.34
N THR A 305 10.97 -5.44 3.43
CA THR A 305 12.03 -5.96 4.22
C THR A 305 11.47 -7.08 5.05
N ARG A 306 12.32 -7.76 5.83
CA ARG A 306 11.91 -8.82 6.77
C ARG A 306 12.13 -8.37 8.24
N SER A 307 11.49 -9.03 9.20
CA SER A 307 11.85 -8.82 10.62
C SER A 307 12.57 -10.06 11.19
N ILE A 308 13.56 -9.81 12.07
CA ILE A 308 14.18 -10.83 12.91
C ILE A 308 13.61 -10.57 14.30
N ILE A 309 12.84 -11.53 14.80
CA ILE A 309 12.07 -11.33 16.01
C ILE A 309 12.66 -12.13 17.14
N ARG A 310 12.57 -11.58 18.34
CA ARG A 310 12.93 -12.29 19.55
C ARG A 310 11.88 -11.95 20.60
N SER A 311 11.64 -12.84 21.57
CA SER A 311 10.66 -12.55 22.62
C SER A 311 11.20 -11.60 23.72
N THR A 312 10.30 -10.82 24.33
CA THR A 312 10.51 -10.04 25.60
C THR A 312 9.42 -10.33 26.64
N ASN A 313 9.49 -9.75 27.83
CA ASN A 313 8.35 -9.93 28.73
C ASN A 313 7.69 -8.62 29.12
N ASP A 314 7.60 -7.74 28.12
CA ASP A 314 7.25 -6.35 28.26
C ASP A 314 5.77 -6.03 28.26
N ALA A 315 5.46 -4.74 28.18
CA ALA A 315 4.08 -4.27 28.33
C ALA A 315 3.34 -4.20 26.96
N SER A 316 3.93 -4.74 25.91
CA SER A 316 3.41 -4.46 24.60
C SER A 316 2.42 -5.54 24.29
N LEU A 317 1.64 -5.38 23.24
CA LEU A 317 0.61 -6.34 22.93
C LEU A 317 1.27 -7.72 22.64
N LEU A 318 2.27 -7.74 21.77
CA LEU A 318 2.88 -8.99 21.29
C LEU A 318 4.08 -9.44 22.12
N GLN A 319 4.60 -8.58 23.00
CA GLN A 319 5.81 -8.91 23.76
C GLN A 319 6.99 -9.46 22.94
N VAL A 320 7.41 -8.69 21.97
CA VAL A 320 8.35 -9.07 20.96
C VAL A 320 9.37 -7.91 20.77
N GLU A 321 10.57 -8.21 20.28
CA GLU A 321 11.57 -7.21 20.04
C GLU A 321 12.11 -7.42 18.65
N GLN A 322 12.21 -6.36 17.87
CA GLN A 322 12.77 -6.48 16.53
C GLN A 322 14.25 -6.28 16.73
N VAL A 323 15.05 -7.22 16.27
CA VAL A 323 16.48 -7.10 16.36
C VAL A 323 16.83 -6.18 15.21
N HIS A 324 17.56 -5.11 15.49
CA HIS A 324 17.83 -4.13 14.43
C HIS A 324 19.11 -4.41 13.70
N MET A 325 18.97 -5.18 12.61
CA MET A 325 20.06 -5.48 11.68
C MET A 325 20.62 -4.21 11.05
N GLU A 326 21.95 -4.07 11.07
CA GLU A 326 22.66 -2.91 10.47
C GLU A 326 23.27 -3.21 9.09
N GLU A 327 23.30 -4.50 8.68
CA GLU A 327 23.84 -4.94 7.37
C GLU A 327 23.04 -4.22 6.29
N PRO A 328 23.04 -4.61 5.02
CA PRO A 328 22.71 -3.60 4.01
C PRO A 328 21.31 -3.06 4.36
N VAL A 329 21.25 -1.76 4.62
CA VAL A 329 20.00 -1.09 4.96
C VAL A 329 19.79 0.19 4.14
N THR A 330 18.50 0.50 3.92
CA THR A 330 18.05 1.80 3.38
C THR A 330 18.23 2.96 4.37
N ASP A 331 17.89 4.15 3.91
CA ASP A 331 17.95 5.40 4.68
C ASP A 331 16.85 5.35 5.71
N MET A 332 16.15 4.24 5.75
CA MET A 332 15.06 4.08 6.69
C MET A 332 15.36 3.08 7.77
N GLY A 333 16.58 2.55 7.76
CA GLY A 333 17.01 1.52 8.70
C GLY A 333 16.50 0.18 8.26
N TRP A 334 15.84 0.12 7.09
CA TRP A 334 15.25 -1.13 6.61
C TRP A 334 16.31 -2.00 5.89
N GLU A 335 16.41 -3.26 6.31
CA GLU A 335 17.35 -4.23 5.77
C GLU A 335 16.97 -4.70 4.36
N ILE A 336 17.96 -4.66 3.47
CA ILE A 336 17.85 -5.24 2.14
C ILE A 336 18.20 -6.72 2.27
N HIS A 337 17.19 -7.58 2.15
CA HIS A 337 17.37 -9.03 2.15
C HIS A 337 16.51 -9.73 1.07
N PRO A 338 16.92 -9.65 -0.19
CA PRO A 338 16.10 -10.15 -1.29
C PRO A 338 15.74 -11.64 -1.18
N GLU A 339 16.62 -12.48 -0.64
CA GLU A 339 16.30 -13.89 -0.52
C GLU A 339 14.95 -14.06 0.15
N SER A 340 14.68 -13.20 1.12
CA SER A 340 13.45 -13.26 1.93
C SER A 340 12.17 -12.90 1.20
N PHE A 341 12.26 -11.98 0.23
CA PHE A 341 11.22 -11.78 -0.75
C PHE A 341 10.91 -13.06 -1.55
N TYR A 342 11.95 -13.84 -1.91
CA TYR A 342 11.74 -15.17 -2.48
C TYR A 342 10.97 -16.10 -1.53
N LYS A 343 11.39 -16.14 -0.26
CA LYS A 343 10.75 -17.03 0.73
C LYS A 343 9.34 -16.56 1.12
N LEU A 344 9.08 -15.25 1.05
CA LEU A 344 7.72 -14.79 1.28
C LEU A 344 6.81 -15.12 0.10
N LEU A 345 7.27 -14.88 -1.12
CA LEU A 345 6.41 -15.21 -2.30
C LEU A 345 6.03 -16.66 -2.32
N THR A 346 7.03 -17.54 -2.21
CA THR A 346 6.87 -18.98 -1.95
C THR A 346 5.81 -19.32 -0.91
N ARG A 347 5.91 -18.75 0.30
CA ARG A 347 4.91 -19.01 1.37
C ARG A 347 3.50 -18.50 1.03
N ILE A 348 3.40 -17.41 0.28
CA ILE A 348 2.09 -16.86 -0.02
C ILE A 348 1.35 -17.80 -0.97
N GLU A 349 2.08 -18.46 -1.87
CA GLU A 349 1.44 -19.38 -2.84
C GLU A 349 0.94 -20.67 -2.16
N LYS A 350 1.80 -21.27 -1.32
CA LYS A 350 1.51 -22.49 -0.55
C LYS A 350 0.27 -22.28 0.33
N ASP A 351 0.35 -21.38 1.33
CA ASP A 351 -0.83 -20.98 2.11
C ASP A 351 -1.66 -19.96 1.30
N PHE A 352 -2.91 -19.73 1.67
CA PHE A 352 -3.69 -18.62 1.00
C PHE A 352 -3.89 -18.70 -0.50
N SER A 353 -2.90 -18.27 -1.28
CA SER A 353 -3.13 -17.93 -2.69
C SER A 353 -3.12 -19.12 -3.68
N LYS A 354 -2.72 -20.31 -3.20
CA LYS A 354 -2.72 -21.58 -3.99
C LYS A 354 -3.24 -21.46 -5.43
N GLY A 355 -2.28 -21.15 -6.34
CA GLY A 355 -2.53 -20.60 -7.76
C GLY A 355 -3.14 -19.27 -8.25
N LEU A 356 -3.85 -18.48 -7.44
CA LEU A 356 -4.30 -17.14 -7.87
C LEU A 356 -3.15 -16.18 -8.27
N PRO A 357 -3.34 -15.37 -9.32
CA PRO A 357 -2.30 -14.40 -9.69
C PRO A 357 -2.00 -13.44 -8.57
N ILE A 358 -0.70 -13.17 -8.46
CA ILE A 358 -0.09 -12.32 -7.44
C ILE A 358 0.50 -11.10 -8.15
N LEU A 359 0.26 -9.92 -7.62
CA LEU A 359 0.86 -8.71 -8.19
C LEU A 359 1.69 -8.01 -7.11
N ILE A 360 2.91 -7.64 -7.42
CA ILE A 360 3.60 -6.79 -6.44
C ILE A 360 3.20 -5.36 -6.71
N THR A 361 2.30 -4.85 -5.87
CA THR A 361 1.80 -3.51 -6.08
C THR A 361 2.72 -2.44 -5.52
N GLU A 362 3.62 -2.80 -4.57
CA GLU A 362 4.65 -1.84 -4.14
C GLU A 362 5.96 -2.51 -3.71
N ASN A 363 7.05 -2.02 -4.25
CA ASN A 363 8.35 -2.57 -3.93
C ASN A 363 9.38 -1.53 -4.29
N GLY A 364 10.23 -1.15 -3.34
CA GLY A 364 11.18 -0.10 -3.60
C GLY A 364 12.02 0.25 -2.39
N ALA A 365 12.85 1.30 -2.52
CA ALA A 365 13.78 1.66 -1.47
C ALA A 365 14.08 3.14 -1.38
N ALA A 366 14.22 3.63 -0.16
CA ALA A 366 14.57 5.02 0.06
C ALA A 366 16.04 5.13 0.46
N MET A 367 16.87 5.71 -0.41
CA MET A 367 18.30 5.93 -0.13
C MET A 367 18.55 7.43 -0.11
N ARG A 368 19.67 7.86 0.49
CA ARG A 368 20.08 9.27 0.46
C ARG A 368 20.42 9.63 -0.97
N ASP A 369 19.82 10.71 -1.46
CA ASP A 369 20.11 11.22 -2.81
C ASP A 369 21.01 12.46 -2.87
N GLU A 370 21.72 12.57 -3.98
CA GLU A 370 22.54 13.73 -4.26
C GLU A 370 22.45 14.06 -5.75
N LEU A 371 21.99 15.27 -6.09
CA LEU A 371 22.07 15.73 -7.47
C LEU A 371 23.49 16.07 -7.85
N VAL A 372 23.93 15.48 -8.94
CA VAL A 372 25.29 15.64 -9.38
C VAL A 372 25.16 15.90 -10.88
N ASN A 373 25.65 17.07 -11.32
CA ASN A 373 25.54 17.45 -12.71
C ASN A 373 24.16 17.07 -13.29
N GLY A 374 23.10 17.50 -12.61
CA GLY A 374 21.73 17.23 -13.00
C GLY A 374 21.35 15.76 -13.20
N GLN A 375 22.16 14.84 -12.68
CA GLN A 375 21.76 13.44 -12.64
C GLN A 375 21.84 12.81 -11.23
N ILE A 376 21.06 11.77 -11.01
CA ILE A 376 20.98 11.15 -9.69
C ILE A 376 21.56 9.73 -9.72
N GLU A 377 22.75 9.58 -9.18
CA GLU A 377 23.42 8.29 -9.27
C GLU A 377 23.03 7.36 -8.13
N ASP A 378 21.81 6.85 -8.20
CA ASP A 378 21.22 6.15 -7.06
C ASP A 378 21.43 4.68 -7.23
N THR A 379 22.70 4.31 -7.10
CA THR A 379 23.17 2.95 -7.27
C THR A 379 22.59 2.01 -6.20
N GLY A 380 22.37 2.53 -4.99
CA GLY A 380 21.69 1.76 -3.94
C GLY A 380 20.26 1.36 -4.34
N ARG A 381 19.42 2.33 -4.72
CA ARG A 381 18.04 2.05 -5.14
C ARG A 381 17.98 1.09 -6.32
N GLN A 382 18.80 1.34 -7.32
CA GLN A 382 18.95 0.45 -8.45
C GLN A 382 19.37 -0.97 -8.00
N ARG A 383 20.48 -1.10 -7.26
CA ARG A 383 20.94 -2.38 -6.69
C ARG A 383 19.75 -3.11 -6.00
N TYR A 384 19.03 -2.40 -5.12
CA TYR A 384 17.88 -2.96 -4.38
C TYR A 384 16.72 -3.43 -5.29
N ILE A 385 16.28 -2.60 -6.23
CA ILE A 385 15.26 -3.04 -7.17
C ILE A 385 15.67 -4.36 -7.91
N GLU A 386 16.88 -4.35 -8.45
CA GLU A 386 17.41 -5.43 -9.25
C GLU A 386 17.44 -6.77 -8.50
N GLU A 387 17.98 -6.72 -7.30
CA GLU A 387 18.04 -7.85 -6.40
C GLU A 387 16.65 -8.43 -6.07
N HIS A 388 15.70 -7.56 -5.80
CA HIS A 388 14.37 -8.09 -5.53
C HIS A 388 13.70 -8.55 -6.81
N LEU A 389 14.12 -8.05 -7.97
CA LEU A 389 13.51 -8.51 -9.20
C LEU A 389 13.99 -9.89 -9.57
N LYS A 390 15.22 -10.23 -9.15
CA LYS A 390 15.76 -11.57 -9.36
C LYS A 390 15.08 -12.51 -8.39
N ALA A 391 14.66 -12.00 -7.24
CA ALA A 391 13.95 -12.79 -6.25
C ALA A 391 12.56 -13.07 -6.79
N CYS A 392 11.98 -12.04 -7.40
CA CYS A 392 10.77 -12.17 -8.19
C CYS A 392 10.99 -13.11 -9.39
N HIS A 393 12.22 -13.17 -9.91
CA HIS A 393 12.48 -14.06 -11.05
C HIS A 393 12.57 -15.56 -10.75
N ARG A 394 13.34 -15.89 -9.72
CA ARG A 394 13.50 -17.26 -9.26
C ARG A 394 12.12 -17.93 -8.91
N PHE A 395 11.16 -17.12 -8.44
CA PHE A 395 9.79 -17.53 -8.07
C PHE A 395 8.91 -17.87 -9.29
N ILE A 396 9.00 -17.03 -10.31
CA ILE A 396 8.55 -17.39 -11.65
C ILE A 396 9.62 -18.41 -12.05
N GLU A 397 9.33 -19.25 -13.02
CA GLU A 397 10.30 -20.30 -13.37
C GLU A 397 10.14 -21.50 -12.40
N GLU A 398 9.92 -21.21 -11.12
CA GLU A 398 9.64 -22.28 -10.17
C GLU A 398 8.14 -22.55 -10.08
N GLY A 399 7.39 -21.93 -11.00
CA GLY A 399 5.94 -22.06 -11.06
C GLY A 399 5.14 -21.03 -10.25
N GLY A 400 5.76 -19.89 -9.95
CA GLY A 400 5.10 -18.86 -9.17
C GLY A 400 4.20 -18.01 -10.03
N GLN A 401 2.97 -17.76 -9.55
CA GLN A 401 2.01 -16.93 -10.25
C GLN A 401 2.20 -15.39 -10.06
N LEU A 402 3.44 -14.92 -10.15
CA LEU A 402 3.72 -13.50 -10.23
C LEU A 402 3.55 -12.99 -11.63
N LYS A 403 2.61 -12.07 -11.80
CA LYS A 403 2.20 -11.54 -13.10
C LYS A 403 2.62 -10.09 -13.29
N GLY A 404 3.03 -9.43 -12.19
CA GLY A 404 3.20 -7.98 -12.22
C GLY A 404 4.12 -7.40 -11.15
N TYR A 405 4.64 -6.20 -11.42
CA TYR A 405 5.52 -5.54 -10.48
C TYR A 405 5.52 -4.01 -10.69
N PHE A 406 5.03 -3.31 -9.67
CA PHE A 406 4.91 -1.89 -9.67
C PHE A 406 5.97 -1.34 -8.75
N VAL A 407 6.94 -0.61 -9.29
CA VAL A 407 7.98 -0.03 -8.42
C VAL A 407 7.31 1.03 -7.53
N TRP A 408 7.60 0.93 -6.22
CA TRP A 408 7.00 1.90 -5.32
C TRP A 408 7.68 3.19 -5.57
N SER A 409 6.76 4.09 -5.93
CA SER A 409 6.90 5.50 -6.09
C SER A 409 7.59 5.89 -7.36
N PHE A 410 6.78 6.26 -8.35
CA PHE A 410 7.23 7.09 -9.42
C PHE A 410 8.06 8.31 -8.93
N LEU A 411 7.59 8.96 -7.86
CA LEU A 411 8.04 10.28 -7.38
C LEU A 411 8.37 10.25 -5.88
N ASP A 412 9.36 11.04 -5.45
CA ASP A 412 9.61 11.30 -4.03
C ASP A 412 8.38 11.97 -3.48
N ASN A 413 7.93 11.64 -2.28
CA ASN A 413 6.63 12.13 -1.84
C ASN A 413 6.52 12.10 -0.37
N PHE A 414 5.39 12.58 0.14
CA PHE A 414 5.14 12.52 1.56
C PHE A 414 5.22 11.09 2.05
N GLU A 415 6.35 10.78 2.68
CA GLU A 415 6.62 9.44 3.21
C GLU A 415 6.07 9.22 4.64
N TRP A 416 4.76 9.51 4.77
CA TRP A 416 4.02 9.42 6.05
C TRP A 416 4.74 10.03 7.30
N ALA A 417 4.82 9.26 8.37
CA ALA A 417 5.55 9.66 9.57
C ALA A 417 7.02 10.08 9.39
N TRP A 418 7.62 9.67 8.28
CA TRP A 418 8.97 10.11 7.97
C TRP A 418 8.99 11.47 7.28
N GLY A 419 7.87 11.90 6.71
CA GLY A 419 7.84 13.20 6.11
C GLY A 419 8.51 13.13 4.77
N TYR A 420 9.12 14.23 4.41
CA TYR A 420 9.79 14.31 3.13
C TYR A 420 11.24 13.89 3.27
N SER A 421 11.63 13.56 4.50
CA SER A 421 13.01 13.18 4.81
C SER A 421 13.38 11.90 4.07
N LYS A 422 12.39 11.18 3.52
CA LYS A 422 12.66 9.86 2.94
C LYS A 422 12.21 9.80 1.50
N ARG A 423 13.11 9.38 0.60
CA ARG A 423 12.88 9.50 -0.82
C ARG A 423 12.82 8.15 -1.52
N PHE A 424 11.65 7.81 -2.05
CA PHE A 424 11.42 6.47 -2.59
C PHE A 424 11.22 6.54 -4.08
N GLY A 425 11.18 7.76 -4.62
CA GLY A 425 10.98 7.95 -6.03
C GLY A 425 12.10 7.44 -6.93
N ILE A 426 11.71 6.94 -8.13
CA ILE A 426 12.70 6.73 -9.18
C ILE A 426 12.93 8.02 -9.95
N VAL A 427 12.05 9.02 -9.71
CA VAL A 427 12.12 10.35 -10.34
C VAL A 427 12.23 11.33 -9.20
N HIS A 428 13.31 12.10 -9.13
CA HIS A 428 13.61 13.06 -8.07
C HIS A 428 12.76 14.30 -8.13
N ILE A 429 12.12 14.66 -7.01
CA ILE A 429 11.40 15.91 -6.94
C ILE A 429 12.25 16.98 -6.27
N ASN A 430 12.37 18.12 -6.93
CA ASN A 430 13.00 19.30 -6.27
C ASN A 430 11.84 20.11 -5.63
N TYR A 431 11.79 20.07 -4.28
CA TYR A 431 10.66 20.70 -3.56
C TYR A 431 10.76 22.23 -3.55
N GLU A 432 11.83 22.79 -4.10
CA GLU A 432 11.86 24.25 -4.16
C GLU A 432 11.25 24.74 -5.45
N THR A 433 11.57 24.05 -6.52
CA THR A 433 11.01 24.43 -7.85
C THR A 433 9.90 23.50 -8.34
N GLN A 434 9.69 22.34 -7.73
CA GLN A 434 8.73 21.29 -8.22
C GLN A 434 9.15 20.56 -9.50
N GLU A 435 10.36 20.80 -10.00
CA GLU A 435 10.76 20.12 -11.26
C GLU A 435 11.13 18.64 -11.09
N ARG A 436 10.58 17.79 -11.97
CA ARG A 436 10.85 16.34 -11.99
C ARG A 436 12.12 16.07 -12.79
N THR A 437 12.91 15.09 -12.34
CA THR A 437 14.19 14.66 -12.94
C THR A 437 14.40 13.17 -12.71
N PRO A 438 14.30 12.37 -13.78
CA PRO A 438 14.42 10.90 -13.62
C PRO A 438 15.80 10.52 -13.07
N LYS A 439 15.88 9.55 -12.14
CA LYS A 439 17.19 9.17 -11.56
C LYS A 439 17.77 8.01 -12.37
N GLN A 440 19.07 7.74 -12.22
CA GLN A 440 19.69 6.61 -12.90
C GLN A 440 18.90 5.32 -12.82
N SER A 441 18.25 5.06 -11.69
CA SER A 441 17.36 3.88 -11.57
C SER A 441 16.17 3.91 -12.51
N ALA A 442 15.60 5.08 -12.78
CA ALA A 442 14.46 5.19 -13.71
C ALA A 442 14.91 4.90 -15.14
N LEU A 443 16.08 5.45 -15.51
CA LEU A 443 16.77 5.12 -16.78
C LEU A 443 17.08 3.62 -16.89
N TRP A 444 17.57 3.01 -15.80
CA TRP A 444 17.72 1.58 -15.72
C TRP A 444 16.39 0.81 -15.93
N PHE A 445 15.30 1.30 -15.34
CA PHE A 445 14.01 0.64 -15.46
C PHE A 445 13.48 0.75 -16.90
N LYS A 446 13.75 1.85 -17.59
CA LYS A 446 13.37 2.00 -19.00
C LYS A 446 14.10 1.00 -19.95
N GLN A 447 15.41 0.84 -19.77
CA GLN A 447 16.17 -0.17 -20.52
C GLN A 447 15.73 -1.58 -20.16
N MET A 448 15.41 -1.79 -18.88
CA MET A 448 15.03 -3.09 -18.40
C MET A 448 13.68 -3.54 -18.99
N MET A 449 12.67 -2.66 -19.02
CA MET A 449 11.37 -3.04 -19.59
C MET A 449 11.43 -3.25 -21.11
N ALA A 450 12.28 -2.49 -21.79
CA ALA A 450 12.55 -2.65 -23.24
C ALA A 450 13.10 -4.06 -23.61
N LYS A 451 14.21 -4.45 -22.98
CA LYS A 451 14.79 -5.81 -23.10
C LYS A 451 13.95 -6.83 -22.31
N ASN A 452 12.85 -6.35 -21.70
CA ASN A 452 12.01 -7.12 -20.77
C ASN A 452 12.82 -8.04 -19.85
N GLY A 453 13.96 -7.57 -19.33
CA GLY A 453 14.60 -8.34 -18.29
C GLY A 453 16.08 -8.31 -17.94
N PHE A 454 16.82 -7.25 -18.20
CA PHE A 454 18.22 -7.30 -17.77
C PHE A 454 18.82 -8.72 -17.64
#